data_8QUP
#
_entry.id   8QUP
#
_cell.length_a   23.262
_cell.length_b   29.132
_cell.length_c   37.760
_cell.angle_alpha   93.02
_cell.angle_beta   92.60
_cell.angle_gamma   97.87
#
_symmetry.space_group_name_H-M   'P 1'
#
loop_
_entity.id
_entity.type
_entity.pdbx_description
1 polymer Bop1
2 water water
#
_entity_poly.entity_id   1
_entity_poly.type   'polypeptide(L)'
_entity_poly.pdbx_seq_one_letter_code
;MAALDAALYEIYDGLILYQQRLKSLEGISPELGPALDALRYDMADFAILMAQAMEEGLDSLPQSFLRKALEMIRKIQADA
AALREKLAATYKGNDRAAAAQSIARKLEEMLEKAYQILRHLAAA
;
_entity_poly.pdbx_strand_id   A
#
# COMPACT_ATOMS: atom_id res chain seq x y z
N LEU A 4 -13.62 1.11 12.86
CA LEU A 4 -13.09 0.48 11.61
C LEU A 4 -13.00 1.48 10.47
N ASP A 5 -14.04 2.30 10.31
CA ASP A 5 -14.06 3.33 9.27
C ASP A 5 -12.97 4.38 9.53
N ALA A 6 -12.95 4.89 10.77
CA ALA A 6 -11.92 5.85 11.19
C ALA A 6 -10.51 5.31 11.01
N ALA A 7 -10.35 4.01 11.26
CA ALA A 7 -9.06 3.34 11.06
C ALA A 7 -8.64 3.33 9.59
N LEU A 8 -9.61 3.15 8.69
CA LEU A 8 -9.34 3.15 7.25
C LEU A 8 -8.94 4.53 6.72
N TYR A 9 -9.56 5.59 7.26
CA TYR A 9 -9.17 6.95 6.91
C TYR A 9 -7.70 7.19 7.23
N GLU A 10 -7.27 6.76 8.42
CA GLU A 10 -5.89 6.94 8.85
C GLU A 10 -4.92 6.10 8.00
N ILE A 11 -5.35 4.90 7.61
CA ILE A 11 -4.54 4.04 6.74
C ILE A 11 -4.47 4.61 5.33
N TYR A 12 -5.58 5.20 4.85
CA TYR A 12 -5.58 5.91 3.56
C TYR A 12 -4.55 7.04 3.54
N ASP A 13 -4.47 7.80 4.63
CA ASP A 13 -3.48 8.87 4.77
C ASP A 13 -2.07 8.32 4.67
N GLY A 14 -1.84 7.16 5.28
CA GLY A 14 -0.56 6.46 5.22
C GLY A 14 -0.19 6.04 3.81
N LEU A 15 -1.16 5.49 3.08
CA LEU A 15 -0.96 5.09 1.68
C LEU A 15 -0.42 6.24 0.84
N ILE A 16 -1.06 7.41 0.95
CA ILE A 16 -0.67 8.57 0.17
C ILE A 16 0.72 9.06 0.57
N LEU A 17 0.97 9.14 1.87
CA LEU A 17 2.25 9.59 2.39
C LEU A 17 3.40 8.74 1.87
N TYR A 18 3.33 7.44 2.11
CA TYR A 18 4.44 6.54 1.76
C TYR A 18 4.59 6.35 0.25
N GLN A 19 3.49 6.47 -0.50
CA GLN A 19 3.58 6.47 -1.96
C GLN A 19 4.44 7.64 -2.44
N GLN A 20 4.23 8.81 -1.86
CA GLN A 20 5.02 10.00 -2.18
C GLN A 20 6.45 9.89 -1.64
N ARG A 21 6.60 9.30 -0.46
CA ARG A 21 7.93 9.08 0.13
C ARG A 21 8.82 8.18 -0.74
N LEU A 22 8.21 7.22 -1.44
CA LEU A 22 8.97 6.34 -2.35
C LEU A 22 9.62 7.09 -3.51
N LYS A 23 9.04 8.24 -3.88
CA LYS A 23 9.59 9.06 -4.95
C LYS A 23 10.98 9.62 -4.62
N SER A 24 11.28 9.77 -3.33
CA SER A 24 12.60 10.24 -2.88
C SER A 24 13.69 9.16 -2.99
N LEU A 25 13.28 7.90 -3.08
CA LEU A 25 14.22 6.78 -3.29
C LEU A 25 14.75 6.71 -4.72
N GLU A 26 14.15 7.49 -5.63
CA GLU A 26 14.62 7.54 -7.02
C GLU A 26 16.05 8.06 -7.11
N GLY A 27 16.88 7.38 -7.89
CA GLY A 27 18.28 7.78 -8.07
C GLY A 27 19.31 6.98 -7.28
N ILE A 28 18.84 6.11 -6.38
N ILE A 28 18.84 6.11 -6.39
CA ILE A 28 19.72 5.26 -5.57
CA ILE A 28 19.74 5.28 -5.58
C ILE A 28 20.37 4.17 -6.43
C ILE A 28 20.36 4.16 -6.41
N SER A 29 19.58 3.58 -7.33
CA SER A 29 20.07 2.53 -8.22
C SER A 29 19.10 2.35 -9.39
N PRO A 30 19.63 2.13 -10.61
CA PRO A 30 18.74 1.90 -11.76
C PRO A 30 17.96 0.58 -11.68
N GLU A 31 18.49 -0.39 -10.95
CA GLU A 31 17.83 -1.69 -10.76
C GLU A 31 16.54 -1.54 -9.94
N LEU A 32 16.58 -0.66 -8.93
CA LEU A 32 15.43 -0.42 -8.05
C LEU A 32 14.36 0.49 -8.67
N GLY A 33 14.77 1.33 -9.61
CA GLY A 33 13.86 2.27 -10.28
C GLY A 33 12.51 1.71 -10.69
N PRO A 34 12.53 0.67 -11.57
CA PRO A 34 11.26 0.08 -12.03
C PRO A 34 10.41 -0.55 -10.92
N ALA A 35 11.06 -1.11 -9.90
CA ALA A 35 10.35 -1.66 -8.74
C ALA A 35 9.63 -0.55 -7.96
N LEU A 36 10.33 0.55 -7.72
CA LEU A 36 9.74 1.69 -7.03
C LEU A 36 8.54 2.25 -7.80
N ASP A 37 8.73 2.50 -9.10
CA ASP A 37 7.68 3.08 -9.93
C ASP A 37 6.42 2.20 -9.97
N ALA A 38 6.61 0.90 -10.24
CA ALA A 38 5.49 -0.04 -10.29
C ALA A 38 4.73 -0.08 -8.96
N LEU A 39 5.47 -0.06 -7.86
CA LEU A 39 4.88 -0.05 -6.52
C LEU A 39 4.06 1.22 -6.29
N ARG A 40 4.59 2.38 -6.69
CA ARG A 40 3.90 3.65 -6.53
CA ARG A 40 3.89 3.64 -6.52
C ARG A 40 2.60 3.67 -7.34
N TYR A 41 2.64 3.16 -8.57
CA TYR A 41 1.45 3.16 -9.42
C TYR A 41 0.38 2.19 -8.92
N ASP A 42 0.80 1.02 -8.43
CA ASP A 42 -0.13 0.08 -7.81
C ASP A 42 -0.75 0.66 -6.53
N MET A 43 0.06 1.32 -5.72
CA MET A 43 -0.44 1.97 -4.50
C MET A 43 -1.45 3.07 -4.82
N ALA A 44 -1.19 3.83 -5.89
CA ALA A 44 -2.12 4.87 -6.33
C ALA A 44 -3.48 4.28 -6.71
N ASP A 45 -3.46 3.15 -7.41
CA ASP A 45 -4.69 2.46 -7.78
C ASP A 45 -5.44 1.95 -6.55
N PHE A 46 -4.69 1.43 -5.58
CA PHE A 46 -5.29 0.94 -4.33
C PHE A 46 -5.92 2.07 -3.52
N ALA A 47 -5.27 3.22 -3.48
CA ALA A 47 -5.80 4.39 -2.79
C ALA A 47 -7.13 4.83 -3.41
N ILE A 48 -7.19 4.83 -4.74
CA ILE A 48 -8.43 5.14 -5.46
C ILE A 48 -9.55 4.17 -5.07
N LEU A 49 -9.20 2.89 -4.92
CA LEU A 49 -10.17 1.87 -4.53
C LEU A 49 -10.66 2.07 -3.09
N MET A 50 -9.74 2.42 -2.19
CA MET A 50 -10.12 2.70 -0.80
C MET A 50 -10.96 3.98 -0.69
N ALA A 51 -10.68 4.95 -1.55
CA ALA A 51 -11.49 6.17 -1.65
C ALA A 51 -12.92 5.84 -2.05
N GLN A 52 -13.09 4.92 -3.01
CA GLN A 52 -14.41 4.45 -3.43
C GLN A 52 -15.14 3.75 -2.28
N ALA A 53 -14.40 2.94 -1.52
CA ALA A 53 -14.98 2.19 -0.41
C ALA A 53 -15.54 3.11 0.68
N MET A 54 -14.79 4.14 1.03
CA MET A 54 -15.20 5.09 2.08
C MET A 54 -16.40 5.92 1.66
N GLU A 55 -16.39 6.42 0.42
CA GLU A 55 -17.46 7.28 -0.06
C GLU A 55 -18.78 6.52 -0.24
N GLU A 56 -18.68 5.26 -0.68
CA GLU A 56 -19.87 4.40 -0.80
C GLU A 56 -20.37 3.95 0.56
N GLY A 57 -19.44 3.47 1.39
CA GLY A 57 -19.77 2.97 2.74
C GLY A 57 -19.28 1.54 2.91
N LEU A 58 -18.59 1.28 4.03
CA LEU A 58 -17.97 -0.01 4.27
C LEU A 58 -18.97 -1.14 4.54
N ASP A 59 -20.08 -0.79 5.18
CA ASP A 59 -21.16 -1.75 5.44
C ASP A 59 -21.89 -2.18 4.16
N SER A 60 -21.86 -1.34 3.14
CA SER A 60 -22.55 -1.59 1.88
C SER A 60 -21.68 -2.26 0.81
N LEU A 61 -20.43 -2.58 1.14
CA LEU A 61 -19.49 -3.14 0.16
C LEU A 61 -19.86 -4.57 -0.22
N PRO A 62 -20.00 -4.83 -1.53
CA PRO A 62 -20.26 -6.21 -1.98
C PRO A 62 -19.01 -7.08 -1.90
N GLN A 63 -19.21 -8.40 -1.93
CA GLN A 63 -18.11 -9.35 -1.80
C GLN A 63 -17.12 -9.24 -2.97
N SER A 64 -17.63 -8.99 -4.16
CA SER A 64 -16.80 -8.83 -5.36
C SER A 64 -15.80 -7.67 -5.22
N PHE A 65 -16.27 -6.56 -4.64
CA PHE A 65 -15.41 -5.41 -4.39
C PHE A 65 -14.32 -5.73 -3.36
N LEU A 66 -14.72 -6.38 -2.27
CA LEU A 66 -13.77 -6.77 -1.22
C LEU A 66 -12.72 -7.75 -1.74
N ARG A 67 -13.12 -8.62 -2.65
CA ARG A 67 -12.18 -9.58 -3.25
C ARG A 67 -11.16 -8.86 -4.14
N LYS A 68 -11.64 -7.90 -4.91
CA LYS A 68 -10.78 -7.06 -5.75
C LYS A 68 -9.76 -6.29 -4.91
N ALA A 69 -10.24 -5.72 -3.81
CA ALA A 69 -9.38 -4.96 -2.89
C ALA A 69 -8.36 -5.85 -2.19
N LEU A 70 -8.80 -7.03 -1.76
CA LEU A 70 -7.92 -7.99 -1.12
C LEU A 70 -6.85 -8.51 -2.09
N GLU A 71 -7.25 -8.79 -3.32
CA GLU A 71 -6.30 -9.20 -4.34
C GLU A 71 -5.23 -8.13 -4.54
N MET A 72 -5.66 -6.88 -4.64
CA MET A 72 -4.75 -5.77 -4.92
C MET A 72 -3.75 -5.54 -3.80
N ILE A 73 -4.23 -5.51 -2.56
CA ILE A 73 -3.35 -5.25 -1.42
C ILE A 73 -2.32 -6.37 -1.22
N ARG A 74 -2.73 -7.62 -1.46
CA ARG A 74 -1.81 -8.74 -1.28
C ARG A 74 -0.70 -8.74 -2.33
N LYS A 75 -1.03 -8.37 -3.56
CA LYS A 75 -0.01 -8.21 -4.60
C LYS A 75 0.95 -7.08 -4.26
N ILE A 76 0.42 -5.96 -3.74
CA ILE A 76 1.25 -4.83 -3.33
C ILE A 76 2.16 -5.23 -2.16
N GLN A 77 1.60 -5.98 -1.20
CA GLN A 77 2.39 -6.46 -0.06
C GLN A 77 3.56 -7.34 -0.52
N ALA A 78 3.30 -8.24 -1.48
CA ALA A 78 4.36 -9.09 -2.02
C ALA A 78 5.45 -8.25 -2.68
N ASP A 79 5.04 -7.26 -3.47
CA ASP A 79 6.00 -6.39 -4.16
C ASP A 79 6.76 -5.49 -3.18
N ALA A 80 6.11 -5.08 -2.10
CA ALA A 80 6.77 -4.29 -1.06
C ALA A 80 7.84 -5.12 -0.35
N ALA A 81 7.53 -6.39 -0.09
CA ALA A 81 8.49 -7.32 0.50
C ALA A 81 9.70 -7.54 -0.41
N ALA A 82 9.44 -7.64 -1.71
CA ALA A 82 10.52 -7.77 -2.71
C ALA A 82 11.43 -6.55 -2.72
N LEU A 83 10.84 -5.37 -2.62
CA LEU A 83 11.60 -4.11 -2.56
C LEU A 83 12.50 -4.08 -1.33
N ARG A 84 11.95 -4.46 -0.19
CA ARG A 84 12.71 -4.56 1.07
C ARG A 84 13.91 -5.51 0.94
N GLU A 85 13.68 -6.65 0.31
CA GLU A 85 14.74 -7.65 0.10
C GLU A 85 15.84 -7.13 -0.82
N LYS A 86 15.45 -6.41 -1.87
CA LYS A 86 16.43 -5.83 -2.81
C LYS A 86 17.25 -4.72 -2.17
N LEU A 87 16.62 -3.88 -1.35
CA LEU A 87 17.34 -2.83 -0.61
C LEU A 87 18.36 -3.44 0.36
N ALA A 88 18.01 -4.56 0.98
CA ALA A 88 18.93 -5.29 1.84
C ALA A 88 19.86 -6.16 0.99
N ARG A 96 21.72 7.18 2.77
CA ARG A 96 20.64 7.10 1.80
C ARG A 96 20.01 5.71 1.76
N ALA A 97 20.85 4.68 1.77
CA ALA A 97 20.38 3.30 1.74
C ALA A 97 19.62 2.91 3.00
N ALA A 98 20.14 3.33 4.15
CA ALA A 98 19.49 3.07 5.45
C ALA A 98 18.14 3.80 5.56
N ALA A 99 18.10 5.03 5.06
CA ALA A 99 16.86 5.82 5.05
C ALA A 99 15.80 5.19 4.15
N ALA A 100 16.24 4.63 3.03
CA ALA A 100 15.34 3.91 2.12
C ALA A 100 14.74 2.67 2.77
N GLN A 101 15.56 1.96 3.55
CA GLN A 101 15.10 0.77 4.28
C GLN A 101 14.08 1.12 5.37
N SER A 102 14.25 2.28 5.99
CA SER A 102 13.31 2.76 7.01
C SER A 102 11.94 3.05 6.40
N ILE A 103 11.94 3.72 5.24
CA ILE A 103 10.70 4.02 4.51
C ILE A 103 10.04 2.72 4.08
N ALA A 104 10.82 1.79 3.54
CA ALA A 104 10.29 0.50 3.08
C ALA A 104 9.70 -0.32 4.22
N ARG A 105 10.34 -0.24 5.40
CA ARG A 105 9.86 -0.94 6.59
C ARG A 105 8.51 -0.39 7.06
N LYS A 106 8.42 0.94 7.14
CA LYS A 106 7.18 1.60 7.55
C LYS A 106 6.06 1.41 6.52
N LEU A 107 6.44 1.40 5.24
CA LEU A 107 5.50 1.11 4.16
C LEU A 107 4.87 -0.27 4.35
N GLU A 108 5.71 -1.29 4.58
CA GLU A 108 5.22 -2.65 4.79
C GLU A 108 4.22 -2.73 5.94
N GLU A 109 4.54 -2.08 7.06
CA GLU A 109 3.64 -2.05 8.22
C GLU A 109 2.29 -1.42 7.88
N MET A 110 2.31 -0.31 7.14
N MET A 110 2.31 -0.31 7.14
CA MET A 110 1.09 0.37 6.74
CA MET A 110 1.09 0.37 6.74
C MET A 110 0.24 -0.49 5.79
C MET A 110 0.25 -0.48 5.78
N LEU A 111 0.90 -1.19 4.88
CA LEU A 111 0.20 -2.10 3.95
C LEU A 111 -0.47 -3.26 4.70
N GLU A 112 0.20 -3.77 5.73
CA GLU A 112 -0.38 -4.80 6.59
C GLU A 112 -1.62 -4.28 7.32
N LYS A 113 -1.58 -3.03 7.79
CA LYS A 113 -2.76 -2.42 8.42
C LYS A 113 -3.92 -2.35 7.43
N ALA A 114 -3.64 -2.00 6.19
CA ALA A 114 -4.67 -1.94 5.15
C ALA A 114 -5.27 -3.33 4.92
N TYR A 115 -4.42 -4.35 4.90
CA TYR A 115 -4.88 -5.72 4.76
C TYR A 115 -5.81 -6.13 5.90
N GLN A 116 -5.42 -5.81 7.13
CA GLN A 116 -6.21 -6.19 8.30
C GLN A 116 -7.60 -5.54 8.31
N ILE A 117 -7.71 -4.33 7.78
CA ILE A 117 -9.03 -3.69 7.62
C ILE A 117 -9.90 -4.53 6.68
N LEU A 118 -9.37 -4.87 5.52
CA LEU A 118 -10.12 -5.63 4.52
C LEU A 118 -10.42 -7.05 4.97
N ARG A 119 -9.47 -7.68 5.66
CA ARG A 119 -9.68 -9.01 6.23
C ARG A 119 -10.87 -9.00 7.18
N HIS A 120 -10.95 -7.96 8.01
CA HIS A 120 -12.04 -7.82 8.96
C HIS A 120 -13.38 -7.59 8.27
N LEU A 121 -13.40 -6.71 7.27
CA LEU A 121 -14.62 -6.43 6.51
C LEU A 121 -15.14 -7.67 5.78
N ALA A 122 -14.23 -8.46 5.21
CA ALA A 122 -14.60 -9.66 4.46
C ALA A 122 -15.20 -10.76 5.36
N ALA A 123 -14.74 -10.84 6.61
CA ALA A 123 -15.21 -11.83 7.57
C ALA A 123 -16.40 -11.35 8.41
N ALA A 124 -16.94 -10.18 8.09
CA ALA A 124 -18.08 -9.62 8.83
C ALA A 124 -19.36 -10.35 8.48
#